data_6FM7
#
_entry.id   6FM7
#
_cell.length_a   45.552
_cell.length_b   78.248
_cell.length_c   48.306
_cell.angle_alpha   90.00
_cell.angle_beta   106.54
_cell.angle_gamma   90.00
#
_symmetry.space_group_name_H-M   'P 1 21 1'
#
loop_
_entity.id
_entity.type
_entity.pdbx_description
1 polymer Beta-lactamase
2 non-polymer (2S,5R)-1-formyl-5-[(sulfooxy)amino]piperidine-2-carboxamide
3 non-polymer 'SULFATE ION'
4 non-polymer 1,2-ETHANEDIOL
5 water water
#
_entity_poly.entity_id   1
_entity_poly.type   'polypeptide(L)'
_entity_poly.pdbx_seq_one_letter_code
;MKQRIALSLLALGPLLLVPRVYAAADEPMANIVEKAVQPLLEEYRIPGMAVAVLKEGKPHYFNYGVANRESGRRISERTL
FEIGSVSKTFTATLGTYAVVKGGFRLDDKVSQHAPWLQNSAFDRVTMAQLATYSAGGLPLQFPDAVDSNERMRQYYRQWS
PLYAAGTHREYSNPSIGLFGHLAASTLGQPFRQLMSQTLLPKLDLQHTYLEVPDAAMVDYAYGYSKEDKPVRVNPGVLAD
EAYGIKTSAADLIKFVGANMTGSGDKAVQQALAMTRTGFYSVGEMTQGLGWESYAYPVTEQALLAGNSPAVSFKANPVKP
FVAPRVMGNERLYNKTGSTNGFGAYVVFVPARGVGIVMLANRNYPIEARVKAAYAIMRHLAP
;
_entity_poly.pdbx_strand_id   A
#
# COMPACT_ATOMS: atom_id res chain seq x y z
N GLU A 27 -18.88 4.34 25.79
CA GLU A 27 -17.52 4.68 25.25
C GLU A 27 -17.59 5.01 23.74
N PRO A 28 -17.86 6.29 23.41
CA PRO A 28 -18.05 6.67 22.00
C PRO A 28 -16.80 6.54 21.12
N MET A 29 -17.01 6.24 19.85
CA MET A 29 -15.94 6.14 18.83
CA MET A 29 -15.90 6.11 18.92
C MET A 29 -15.07 7.40 18.85
N ALA A 30 -15.72 8.56 18.85
CA ALA A 30 -14.99 9.82 18.77
C ALA A 30 -13.95 9.99 19.89
N ASN A 31 -14.29 9.56 21.10
N ASN A 31 -14.30 9.56 21.10
CA ASN A 31 -13.38 9.63 22.23
CA ASN A 31 -13.38 9.59 22.24
C ASN A 31 -12.24 8.59 22.13
C ASN A 31 -12.23 8.62 22.06
N ILE A 32 -12.54 7.41 21.59
CA ILE A 32 -11.52 6.40 21.34
CA ILE A 32 -11.53 6.38 21.32
C ILE A 32 -10.52 6.90 20.29
N VAL A 33 -11.01 7.50 19.21
CA VAL A 33 -10.12 8.02 18.16
C VAL A 33 -9.26 9.17 18.70
N GLU A 34 -9.88 10.11 19.41
CA GLU A 34 -9.11 11.21 20.03
C GLU A 34 -8.01 10.69 20.94
N LYS A 35 -8.36 9.72 21.78
CA LYS A 35 -7.41 9.19 22.76
C LYS A 35 -6.22 8.54 22.05
N ALA A 36 -6.49 7.87 20.94
CA ALA A 36 -5.43 7.20 20.18
C ALA A 36 -4.59 8.17 19.35
N VAL A 37 -5.20 9.21 18.80
CA VAL A 37 -4.55 10.11 17.85
C VAL A 37 -3.81 11.27 18.53
N GLN A 38 -4.36 11.82 19.61
CA GLN A 38 -3.74 12.99 20.21
C GLN A 38 -2.26 12.80 20.58
N PRO A 39 -1.88 11.63 21.13
CA PRO A 39 -0.45 11.47 21.44
C PRO A 39 0.44 11.54 20.20
N LEU A 40 -0.09 11.12 19.05
CA LEU A 40 0.63 11.21 17.78
C LEU A 40 0.80 12.67 17.37
N LEU A 41 -0.32 13.40 17.41
CA LEU A 41 -0.30 14.80 17.03
C LEU A 41 0.68 15.57 17.90
N GLU A 42 0.70 15.26 19.20
CA GLU A 42 1.57 15.91 20.15
C GLU A 42 3.02 15.56 19.95
N GLU A 43 3.36 14.26 20.03
CA GLU A 43 4.77 13.89 20.05
C GLU A 43 5.45 14.20 18.73
N TYR A 44 4.72 14.02 17.62
CA TYR A 44 5.33 14.15 16.30
C TYR A 44 4.96 15.46 15.61
N ARG A 45 4.28 16.36 16.32
CA ARG A 45 4.01 17.70 15.81
C ARG A 45 3.36 17.60 14.43
N ILE A 46 2.36 16.73 14.31
CA ILE A 46 1.79 16.43 13.00
C ILE A 46 0.93 17.60 12.55
N PRO A 47 1.21 18.21 11.37
CA PRO A 47 0.39 19.38 11.00
C PRO A 47 -1.06 19.03 10.68
N GLY A 48 -1.27 17.88 10.04
CA GLY A 48 -2.58 17.49 9.56
C GLY A 48 -2.72 15.98 9.53
N MET A 49 -3.88 15.52 9.96
CA MET A 49 -4.19 14.09 9.91
CA MET A 49 -4.21 14.10 9.95
CA MET A 49 -4.20 14.11 9.94
C MET A 49 -5.67 13.92 9.59
N ALA A 50 -5.96 13.02 8.65
CA ALA A 50 -7.32 12.59 8.35
C ALA A 50 -7.44 11.13 8.73
N VAL A 51 -8.44 10.83 9.55
CA VAL A 51 -8.76 9.48 9.96
C VAL A 51 -10.13 9.16 9.40
N ALA A 52 -10.28 7.97 8.80
CA ALA A 52 -11.58 7.46 8.40
C ALA A 52 -11.75 6.10 9.02
N VAL A 53 -12.92 5.88 9.62
CA VAL A 53 -13.28 4.60 10.19
C VAL A 53 -14.53 4.09 9.51
N LEU A 54 -14.48 2.88 8.97
CA LEU A 54 -15.65 2.20 8.44
C LEU A 54 -16.10 1.22 9.50
N LYS A 55 -17.36 1.34 9.91
CA LYS A 55 -17.96 0.43 10.88
CA LYS A 55 -17.95 0.37 10.81
C LYS A 55 -19.46 0.38 10.61
N GLU A 56 -20.06 -0.79 10.72
CA GLU A 56 -21.49 -0.99 10.46
C GLU A 56 -21.92 -0.37 9.15
N GLY A 57 -21.07 -0.50 8.15
CA GLY A 57 -21.38 -0.11 6.82
C GLY A 57 -21.40 1.36 6.55
N LYS A 58 -20.84 2.19 7.46
CA LYS A 58 -20.78 3.63 7.21
CA LYS A 58 -20.79 3.63 7.22
C LYS A 58 -19.40 4.17 7.54
N PRO A 59 -18.89 5.09 6.70
CA PRO A 59 -17.64 5.76 7.06
C PRO A 59 -17.88 6.91 8.05
N HIS A 60 -16.90 7.11 8.93
CA HIS A 60 -16.87 8.18 9.92
C HIS A 60 -15.54 8.88 9.79
N TYR A 61 -15.55 10.20 9.77
CA TYR A 61 -14.35 10.98 9.49
C TYR A 61 -13.97 11.81 10.70
N PHE A 62 -12.68 11.81 11.01
CA PHE A 62 -12.10 12.59 12.11
C PHE A 62 -10.89 13.31 11.53
N ASN A 63 -10.93 14.63 11.56
CA ASN A 63 -9.93 15.46 10.92
C ASN A 63 -9.26 16.36 11.90
N TYR A 64 -7.96 16.54 11.70
CA TYR A 64 -7.11 17.30 12.63
C TYR A 64 -6.18 18.19 11.85
N GLY A 65 -6.14 19.48 12.20
CA GLY A 65 -5.11 20.34 11.67
C GLY A 65 -5.26 20.79 10.24
N VAL A 66 -4.10 21.01 9.61
CA VAL A 66 -4.00 21.81 8.41
CA VAL A 66 -3.97 21.78 8.36
C VAL A 66 -3.27 21.02 7.28
N ALA A 67 -3.69 21.26 6.05
CA ALA A 67 -3.06 20.65 4.88
C ALA A 67 -1.74 21.32 4.51
N ASN A 68 -1.68 22.63 4.78
CA ASN A 68 -0.59 23.47 4.36
C ASN A 68 -0.49 24.58 5.39
N ARG A 69 0.62 24.66 6.09
CA ARG A 69 0.80 25.67 7.14
C ARG A 69 0.74 27.11 6.63
N GLU A 70 0.93 27.28 5.33
CA GLU A 70 0.87 28.58 4.66
C GLU A 70 -0.43 28.78 3.82
N SER A 71 -1.49 28.05 4.14
CA SER A 71 -2.80 28.28 3.53
CA SER A 71 -2.81 28.22 3.51
C SER A 71 -3.86 27.97 4.56
N GLY A 72 -5.03 28.56 4.37
CA GLY A 72 -6.12 28.45 5.34
C GLY A 72 -6.83 27.11 5.43
N ARG A 73 -6.82 26.32 4.34
CA ARG A 73 -7.73 25.18 4.27
C ARG A 73 -7.35 24.08 5.29
N ARG A 74 -8.33 23.66 6.07
CA ARG A 74 -8.09 22.64 7.08
C ARG A 74 -8.15 21.25 6.46
N ILE A 75 -7.53 20.28 7.12
CA ILE A 75 -7.71 18.89 6.71
C ILE A 75 -9.18 18.53 6.73
N SER A 76 -9.62 17.85 5.69
CA SER A 76 -10.89 17.16 5.68
C SER A 76 -10.68 15.77 5.08
N GLU A 77 -11.77 15.00 5.01
CA GLU A 77 -11.74 13.71 4.34
C GLU A 77 -11.57 13.81 2.83
N ARG A 78 -11.58 15.04 2.29
CA ARG A 78 -11.31 15.30 0.89
C ARG A 78 -9.88 15.71 0.59
N THR A 79 -9.09 16.01 1.63
CA THR A 79 -7.70 16.38 1.42
C THR A 79 -6.93 15.23 0.78
N LEU A 80 -6.11 15.54 -0.22
CA LEU A 80 -5.26 14.56 -0.85
C LEU A 80 -3.93 14.47 -0.12
N PHE A 81 -3.56 13.24 0.25
CA PHE A 81 -2.28 12.93 0.85
C PHE A 81 -1.50 12.00 -0.07
N GLU A 82 -0.17 12.07 0.01
CA GLU A 82 0.69 11.02 -0.54
C GLU A 82 0.59 9.82 0.40
N ILE A 83 0.23 8.67 -0.14
CA ILE A 83 0.10 7.46 0.68
C ILE A 83 1.32 6.56 0.54
N GLY A 84 2.30 6.96 -0.26
CA GLY A 84 3.52 6.19 -0.34
C GLY A 84 3.25 4.74 -0.68
N SER A 85 3.89 3.85 0.06
CA SER A 85 3.86 2.42 -0.22
C SER A 85 2.49 1.77 -0.06
N VAL A 86 1.49 2.47 0.49
CA VAL A 86 0.12 1.93 0.42
C VAL A 86 -0.29 1.79 -1.06
N SER A 87 0.35 2.56 -1.95
CA SER A 87 0.14 2.42 -3.38
C SER A 87 0.28 0.98 -3.87
N LYS A 88 1.13 0.19 -3.20
CA LYS A 88 1.33 -1.20 -3.63
C LYS A 88 0.06 -2.03 -3.60
N THR A 89 -0.93 -1.64 -2.79
CA THR A 89 -2.21 -2.35 -2.79
C THR A 89 -2.97 -2.09 -4.09
N PHE A 90 -2.88 -0.87 -4.61
CA PHE A 90 -3.45 -0.55 -5.92
C PHE A 90 -2.67 -1.27 -7.03
N THR A 91 -1.35 -1.26 -6.95
CA THR A 91 -0.54 -1.97 -7.94
C THR A 91 -0.88 -3.47 -7.95
N ALA A 92 -1.00 -4.06 -6.78
CA ALA A 92 -1.35 -5.48 -6.68
C ALA A 92 -2.68 -5.77 -7.34
N THR A 93 -3.66 -4.88 -7.12
CA THR A 93 -5.00 -5.05 -7.68
C THR A 93 -4.98 -4.89 -9.20
N LEU A 94 -4.16 -3.97 -9.72
CA LEU A 94 -3.95 -3.89 -11.16
C LEU A 94 -3.37 -5.20 -11.68
N GLY A 95 -2.39 -5.74 -10.95
CA GLY A 95 -1.78 -7.00 -11.35
C GLY A 95 -2.76 -8.15 -11.39
N THR A 96 -3.58 -8.29 -10.35
CA THR A 96 -4.55 -9.38 -10.36
C THR A 96 -5.65 -9.13 -11.40
N TYR A 97 -5.98 -7.88 -11.68
CA TYR A 97 -6.89 -7.57 -12.78
C TYR A 97 -6.34 -8.11 -14.09
N ALA A 98 -5.05 -7.89 -14.33
CA ALA A 98 -4.41 -8.44 -15.52
C ALA A 98 -4.44 -9.96 -15.55
N VAL A 99 -4.28 -10.62 -14.40
CA VAL A 99 -4.43 -12.07 -14.33
C VAL A 99 -5.86 -12.48 -14.73
N VAL A 100 -6.85 -11.80 -14.16
CA VAL A 100 -8.25 -12.09 -14.46
C VAL A 100 -8.53 -11.95 -15.96
N LYS A 101 -7.94 -10.94 -16.59
CA LYS A 101 -8.08 -10.68 -18.03
C LYS A 101 -7.17 -11.53 -18.91
N GLY A 102 -6.41 -12.44 -18.33
CA GLY A 102 -5.62 -13.41 -19.09
C GLY A 102 -4.26 -12.93 -19.52
N GLY A 103 -3.76 -11.82 -18.96
CA GLY A 103 -2.47 -11.30 -19.37
C GLY A 103 -1.30 -12.19 -18.97
N PHE A 104 -1.40 -12.77 -17.79
CA PHE A 104 -0.37 -13.68 -17.28
C PHE A 104 -0.94 -14.55 -16.18
N ARG A 105 -0.19 -15.56 -15.81
CA ARG A 105 -0.47 -16.35 -14.61
C ARG A 105 0.57 -16.00 -13.56
N LEU A 106 0.18 -16.02 -12.30
CA LEU A 106 1.10 -15.68 -11.21
C LEU A 106 2.36 -16.54 -11.17
N ASP A 107 2.28 -17.81 -11.60
CA ASP A 107 3.46 -18.67 -11.61
C ASP A 107 4.27 -18.61 -12.90
N ASP A 108 3.91 -17.73 -13.84
CA ASP A 108 4.73 -17.53 -15.04
C ASP A 108 6.10 -16.98 -14.66
N LYS A 109 7.10 -17.41 -15.40
CA LYS A 109 8.42 -16.79 -15.30
CA LYS A 109 8.42 -16.79 -15.26
C LYS A 109 8.35 -15.34 -15.75
N VAL A 110 9.05 -14.46 -15.05
CA VAL A 110 9.07 -13.05 -15.41
C VAL A 110 9.51 -12.86 -16.87
N SER A 111 10.51 -13.61 -17.30
CA SER A 111 11.00 -13.43 -18.67
C SER A 111 9.98 -13.83 -19.73
N GLN A 112 8.94 -14.58 -19.40
CA GLN A 112 7.92 -14.83 -20.40
C GLN A 112 7.32 -13.51 -20.88
N HIS A 113 7.22 -12.55 -19.96
CA HIS A 113 6.56 -11.26 -20.21
C HIS A 113 7.54 -10.11 -20.36
N ALA A 114 8.82 -10.44 -20.35
CA ALA A 114 9.90 -9.46 -20.48
C ALA A 114 11.04 -10.15 -21.23
N PRO A 115 10.96 -10.21 -22.57
CA PRO A 115 11.98 -10.95 -23.29
C PRO A 115 13.40 -10.36 -23.14
N TRP A 116 13.47 -9.08 -22.81
CA TRP A 116 14.72 -8.41 -22.52
C TRP A 116 15.41 -8.97 -21.26
N LEU A 117 14.69 -9.80 -20.49
CA LEU A 117 15.24 -10.48 -19.34
C LEU A 117 15.53 -11.96 -19.58
N GLN A 118 15.46 -12.41 -20.83
CA GLN A 118 15.97 -13.75 -21.14
C GLN A 118 17.45 -13.78 -20.78
N ASN A 119 17.90 -14.93 -20.27
CA ASN A 119 19.29 -15.16 -19.88
C ASN A 119 19.68 -14.23 -18.71
N SER A 120 18.74 -14.03 -17.78
CA SER A 120 18.97 -13.31 -16.53
C SER A 120 18.36 -14.13 -15.40
N ALA A 121 18.41 -13.58 -14.19
CA ALA A 121 17.78 -14.23 -13.04
C ALA A 121 16.30 -14.47 -13.29
N PHE A 122 15.71 -13.62 -14.12
CA PHE A 122 14.27 -13.59 -14.28
C PHE A 122 13.71 -14.69 -15.18
N ASP A 123 14.58 -15.54 -15.75
CA ASP A 123 14.14 -16.82 -16.26
C ASP A 123 13.70 -17.80 -15.14
N ARG A 124 14.11 -17.56 -13.90
CA ARG A 124 13.76 -18.45 -12.77
C ARG A 124 12.77 -17.85 -11.78
N VAL A 125 12.65 -16.55 -11.79
CA VAL A 125 11.77 -15.83 -10.88
C VAL A 125 10.37 -15.79 -11.49
N THR A 126 9.35 -15.93 -10.65
CA THR A 126 7.98 -15.84 -11.11
C THR A 126 7.38 -14.47 -10.89
N MET A 127 6.29 -14.20 -11.58
CA MET A 127 5.57 -12.95 -11.38
C MET A 127 5.14 -12.78 -9.91
N ALA A 128 4.64 -13.86 -9.30
CA ALA A 128 4.26 -13.83 -7.89
C ALA A 128 5.43 -13.46 -6.99
N GLN A 129 6.61 -14.01 -7.26
CA GLN A 129 7.78 -13.69 -6.45
C GLN A 129 8.15 -12.20 -6.56
N LEU A 130 8.01 -11.59 -7.73
CA LEU A 130 8.20 -10.13 -7.81
C LEU A 130 7.25 -9.41 -6.88
N ALA A 131 5.97 -9.78 -6.95
CA ALA A 131 4.95 -9.11 -6.17
C ALA A 131 5.11 -9.27 -4.67
N THR A 132 5.73 -10.38 -4.26
CA THR A 132 5.87 -10.68 -2.85
C THR A 132 7.30 -10.50 -2.37
N TYR A 133 8.10 -9.78 -3.13
CA TYR A 133 9.44 -9.36 -2.69
C TYR A 133 10.37 -10.55 -2.43
N SER A 134 10.13 -11.66 -3.13
CA SER A 134 10.88 -12.88 -2.86
C SER A 134 11.70 -13.36 -4.06
N ALA A 135 12.00 -12.46 -5.00
CA ALA A 135 12.76 -12.85 -6.18
C ALA A 135 14.19 -13.30 -5.86
N GLY A 136 14.75 -12.81 -4.76
CA GLY A 136 16.08 -13.22 -4.31
C GLY A 136 17.02 -12.08 -3.97
N GLY A 137 16.51 -11.03 -3.34
CA GLY A 137 17.35 -9.97 -2.82
C GLY A 137 17.38 -8.71 -3.65
N LEU A 138 16.34 -8.43 -4.44
CA LEU A 138 16.21 -7.10 -4.99
C LEU A 138 16.11 -6.13 -3.81
N PRO A 139 16.79 -4.98 -3.90
CA PRO A 139 16.92 -4.08 -2.76
C PRO A 139 15.70 -3.18 -2.57
N LEU A 140 15.68 -2.49 -1.43
CA LEU A 140 14.58 -1.59 -1.12
C LEU A 140 14.35 -0.55 -2.21
N GLN A 141 15.43 0.10 -2.66
CA GLN A 141 15.37 1.14 -3.67
C GLN A 141 16.29 0.81 -4.82
N PHE A 142 15.99 1.37 -5.99
CA PHE A 142 16.99 1.38 -7.07
C PHE A 142 18.22 2.17 -6.61
N PRO A 143 19.40 1.77 -7.08
CA PRO A 143 20.55 2.68 -6.99
C PRO A 143 20.21 4.05 -7.57
N ASP A 144 20.81 5.10 -7.01
CA ASP A 144 20.52 6.48 -7.44
C ASP A 144 20.77 6.71 -8.93
N ALA A 145 21.76 6.01 -9.48
CA ALA A 145 22.11 6.14 -10.90
C ALA A 145 21.02 5.65 -11.86
N VAL A 146 20.11 4.80 -11.38
CA VAL A 146 19.02 4.30 -12.22
C VAL A 146 17.93 5.37 -12.33
N ASP A 147 17.99 6.15 -13.40
CA ASP A 147 17.13 7.33 -13.57
C ASP A 147 16.49 7.45 -14.96
N SER A 148 16.43 6.35 -15.68
CA SER A 148 15.82 6.32 -17.00
C SER A 148 15.31 4.92 -17.27
N ASN A 149 14.44 4.80 -18.26
CA ASN A 149 13.96 3.50 -18.69
C ASN A 149 15.12 2.58 -19.11
N GLU A 150 16.06 3.10 -19.88
CA GLU A 150 17.16 2.26 -20.35
C GLU A 150 18.04 1.81 -19.17
N ARG A 151 18.35 2.71 -18.25
CA ARG A 151 19.13 2.31 -17.08
C ARG A 151 18.37 1.33 -16.21
N MET A 152 17.05 1.45 -16.13
CA MET A 152 16.22 0.50 -15.41
CA MET A 152 16.23 0.50 -15.40
C MET A 152 16.32 -0.89 -16.05
N ARG A 153 16.18 -0.95 -17.36
CA ARG A 153 16.26 -2.23 -18.07
C ARG A 153 17.61 -2.88 -17.82
N GLN A 154 18.69 -2.10 -17.93
CA GLN A 154 20.04 -2.62 -17.70
CA GLN A 154 20.02 -2.67 -17.72
C GLN A 154 20.22 -3.12 -16.27
N TYR A 155 19.65 -2.37 -15.32
CA TYR A 155 19.75 -2.76 -13.91
C TYR A 155 19.18 -4.18 -13.72
N TYR A 156 17.98 -4.44 -14.23
CA TYR A 156 17.41 -5.77 -14.06
C TYR A 156 18.17 -6.84 -14.84
N ARG A 157 18.65 -6.51 -16.03
CA ARG A 157 19.43 -7.46 -16.81
C ARG A 157 20.70 -7.90 -16.08
N GLN A 158 21.33 -6.96 -15.37
CA GLN A 158 22.63 -7.16 -14.71
CA GLN A 158 22.63 -7.23 -14.74
C GLN A 158 22.53 -7.71 -13.30
N TRP A 159 21.33 -7.70 -12.73
CA TRP A 159 21.17 -8.01 -11.32
C TRP A 159 21.54 -9.45 -11.03
N SER A 160 22.40 -9.62 -10.02
CA SER A 160 22.79 -10.95 -9.56
C SER A 160 22.09 -11.28 -8.24
N PRO A 161 21.32 -12.38 -8.20
CA PRO A 161 20.60 -12.68 -6.97
C PRO A 161 21.51 -12.93 -5.76
N LEU A 162 20.97 -12.62 -4.60
CA LEU A 162 21.57 -12.93 -3.31
C LEU A 162 21.05 -14.24 -2.74
N TYR A 163 19.82 -14.63 -3.11
CA TYR A 163 19.13 -15.80 -2.57
C TYR A 163 18.47 -16.52 -3.73
N ALA A 164 18.21 -17.81 -3.53
CA ALA A 164 17.38 -18.58 -4.46
C ALA A 164 15.97 -17.99 -4.53
N ALA A 165 15.35 -18.06 -5.69
CA ALA A 165 14.01 -17.51 -5.87
C ALA A 165 13.04 -18.13 -4.87
N GLY A 166 12.25 -17.27 -4.25
CA GLY A 166 11.21 -17.70 -3.33
C GLY A 166 11.60 -17.86 -1.88
N THR A 167 12.88 -17.89 -1.55
CA THR A 167 13.28 -18.26 -0.19
C THR A 167 13.33 -17.13 0.82
N HIS A 168 13.55 -15.89 0.35
CA HIS A 168 13.74 -14.76 1.25
C HIS A 168 12.87 -13.61 0.83
N ARG A 169 12.26 -12.96 1.82
CA ARG A 169 11.51 -11.72 1.63
C ARG A 169 12.40 -10.54 1.91
N GLU A 170 12.58 -9.67 0.91
CA GLU A 170 13.32 -8.42 1.09
C GLU A 170 12.43 -7.36 0.45
N TYR A 171 11.73 -6.60 1.29
CA TYR A 171 10.77 -5.62 0.79
C TYR A 171 11.48 -4.69 -0.18
N SER A 172 10.87 -4.47 -1.35
CA SER A 172 11.59 -3.89 -2.48
C SER A 172 10.69 -3.14 -3.44
N ASN A 173 10.99 -1.85 -3.63
CA ASN A 173 10.32 -1.05 -4.64
C ASN A 173 10.63 -1.54 -6.05
N PRO A 174 11.89 -1.85 -6.39
CA PRO A 174 12.14 -2.43 -7.72
C PRO A 174 11.36 -3.72 -7.98
N SER A 175 11.15 -4.54 -6.96
CA SER A 175 10.49 -5.82 -7.16
C SER A 175 9.02 -5.65 -7.56
N ILE A 176 8.24 -5.01 -6.70
CA ILE A 176 6.84 -4.83 -7.04
C ILE A 176 6.67 -3.82 -8.17
N GLY A 177 7.63 -2.91 -8.32
CA GLY A 177 7.59 -2.01 -9.47
C GLY A 177 7.61 -2.75 -10.79
N LEU A 178 8.53 -3.70 -10.91
CA LEU A 178 8.62 -4.48 -12.15
C LEU A 178 7.34 -5.30 -12.33
N PHE A 179 6.81 -5.86 -11.24
CA PHE A 179 5.55 -6.59 -11.33
C PHE A 179 4.45 -5.73 -11.94
N GLY A 180 4.27 -4.51 -11.44
CA GLY A 180 3.21 -3.65 -11.97
C GLY A 180 3.44 -3.24 -13.41
N HIS A 181 4.68 -2.88 -13.73
CA HIS A 181 5.06 -2.51 -15.08
C HIS A 181 4.74 -3.64 -16.06
N LEU A 182 5.19 -4.84 -15.72
CA LEU A 182 4.97 -5.99 -16.60
C LEU A 182 3.51 -6.40 -16.65
N ALA A 183 2.80 -6.35 -15.53
CA ALA A 183 1.39 -6.69 -15.54
C ALA A 183 0.62 -5.82 -16.53
N ALA A 184 0.86 -4.52 -16.49
CA ALA A 184 0.16 -3.63 -17.42
C ALA A 184 0.55 -3.93 -18.86
N SER A 185 1.83 -4.24 -19.08
CA SER A 185 2.30 -4.56 -20.42
CA SER A 185 2.35 -4.61 -20.40
C SER A 185 1.61 -5.81 -20.98
N THR A 186 1.23 -6.76 -20.13
CA THR A 186 0.52 -7.94 -20.63
C THR A 186 -0.87 -7.63 -21.19
N LEU A 187 -1.44 -6.48 -20.80
CA LEU A 187 -2.67 -5.97 -21.39
C LEU A 187 -2.43 -4.91 -22.46
N GLY A 188 -1.17 -4.71 -22.84
CA GLY A 188 -0.82 -3.81 -23.93
C GLY A 188 -0.89 -2.34 -23.59
N GLN A 189 -0.74 -2.02 -22.30
CA GLN A 189 -0.88 -0.64 -21.84
C GLN A 189 0.21 -0.25 -20.87
N PRO A 190 0.60 1.05 -20.88
CA PRO A 190 1.40 1.57 -19.79
C PRO A 190 0.66 1.47 -18.47
N PHE A 191 1.42 1.28 -17.40
CA PHE A 191 0.85 1.19 -16.06
C PHE A 191 -0.06 2.39 -15.72
N ARG A 192 0.41 3.60 -15.97
CA ARG A 192 -0.37 4.77 -15.59
C ARG A 192 -1.71 4.83 -16.32
N GLN A 193 -1.71 4.46 -17.60
CA GLN A 193 -2.94 4.43 -18.37
C GLN A 193 -3.91 3.39 -17.82
N LEU A 194 -3.45 2.17 -17.58
CA LEU A 194 -4.33 1.13 -17.09
C LEU A 194 -4.90 1.49 -15.72
N MET A 195 -4.06 2.03 -14.85
CA MET A 195 -4.52 2.46 -13.54
C MET A 195 -5.57 3.58 -13.64
N SER A 196 -5.26 4.61 -14.41
CA SER A 196 -6.09 5.82 -14.41
CA SER A 196 -6.07 5.83 -14.44
C SER A 196 -7.34 5.69 -15.28
N GLN A 197 -7.28 4.86 -16.32
CA GLN A 197 -8.39 4.74 -17.28
C GLN A 197 -9.25 3.50 -17.11
N THR A 198 -8.74 2.49 -16.41
CA THR A 198 -9.50 1.26 -16.20
C THR A 198 -9.73 0.97 -14.74
N LEU A 199 -8.67 0.79 -13.96
N LEU A 199 -8.66 0.76 -13.97
CA LEU A 199 -8.87 0.30 -12.61
CA LEU A 199 -8.79 0.30 -12.59
C LEU A 199 -9.55 1.31 -11.68
C LEU A 199 -9.51 1.29 -11.67
N LEU A 200 -9.00 2.51 -11.61
CA LEU A 200 -9.58 3.52 -10.70
C LEU A 200 -11.03 3.88 -11.10
N PRO A 201 -11.32 4.05 -12.41
CA PRO A 201 -12.73 4.30 -12.75
C PRO A 201 -13.67 3.14 -12.41
N LYS A 202 -13.24 1.91 -12.60
CA LYS A 202 -14.08 0.77 -12.25
C LYS A 202 -14.26 0.59 -10.76
N LEU A 203 -13.25 1.01 -9.98
CA LEU A 203 -13.39 1.09 -8.53
C LEU A 203 -14.19 2.31 -8.07
N ASP A 204 -14.57 3.17 -9.00
CA ASP A 204 -15.31 4.40 -8.73
C ASP A 204 -14.55 5.34 -7.78
N LEU A 205 -13.24 5.43 -7.97
CA LEU A 205 -12.39 6.29 -7.16
C LEU A 205 -12.10 7.56 -7.94
N GLN A 206 -12.84 8.61 -7.62
CA GLN A 206 -12.80 9.87 -8.36
C GLN A 206 -11.85 10.90 -7.77
N HIS A 207 -11.16 10.57 -6.68
CA HIS A 207 -10.25 11.49 -6.00
C HIS A 207 -8.95 10.77 -5.66
N THR A 208 -8.50 9.95 -6.60
CA THR A 208 -7.31 9.10 -6.44
C THR A 208 -6.47 9.26 -7.71
N TYR A 209 -5.20 9.59 -7.56
CA TYR A 209 -4.40 10.05 -8.69
C TYR A 209 -2.96 9.55 -8.59
N LEU A 210 -2.37 9.19 -9.73
CA LEU A 210 -0.93 9.07 -9.82
C LEU A 210 -0.26 10.43 -10.01
N GLU A 211 -0.99 11.36 -10.61
CA GLU A 211 -0.52 12.74 -10.73
C GLU A 211 -1.75 13.63 -10.53
N VAL A 212 -1.66 14.55 -9.57
CA VAL A 212 -2.81 15.37 -9.19
C VAL A 212 -3.08 16.40 -10.28
N PRO A 213 -4.32 16.44 -10.83
CA PRO A 213 -4.64 17.39 -11.88
C PRO A 213 -4.83 18.79 -11.33
N ASP A 214 -4.77 19.78 -12.22
CA ASP A 214 -4.85 21.18 -11.79
C ASP A 214 -6.07 21.49 -10.92
N ALA A 215 -7.23 20.96 -11.27
CA ALA A 215 -8.49 21.24 -10.55
C ALA A 215 -8.48 20.71 -9.12
N ALA A 216 -7.63 19.71 -8.84
CA ALA A 216 -7.52 19.12 -7.52
C ALA A 216 -6.34 19.66 -6.69
N MET A 217 -5.54 20.57 -7.23
CA MET A 217 -4.37 21.05 -6.50
CA MET A 217 -4.36 21.11 -6.54
CA MET A 217 -4.35 21.07 -6.53
C MET A 217 -4.73 21.75 -5.21
N VAL A 218 -5.87 22.43 -5.19
CA VAL A 218 -6.35 23.09 -3.97
C VAL A 218 -6.49 22.10 -2.79
N ASP A 219 -6.75 20.83 -3.09
N ASP A 219 -6.76 20.82 -3.05
CA ASP A 219 -6.93 19.77 -2.09
CA ASP A 219 -6.90 19.85 -1.97
C ASP A 219 -5.66 19.06 -1.66
C ASP A 219 -5.66 19.03 -1.66
N TYR A 220 -4.54 19.30 -2.35
CA TYR A 220 -3.33 18.51 -2.16
C TYR A 220 -2.50 19.06 -1.01
N ALA A 221 -2.41 18.31 0.08
CA ALA A 221 -1.58 18.69 1.20
C ALA A 221 -0.12 18.80 0.82
N TYR A 222 0.63 19.57 1.61
CA TYR A 222 2.08 19.49 1.61
C TYR A 222 2.52 18.57 2.72
N GLY A 223 3.60 17.83 2.45
CA GLY A 223 4.25 17.04 3.49
C GLY A 223 5.16 17.92 4.31
N TYR A 224 5.44 17.51 5.54
CA TYR A 224 6.37 18.26 6.41
C TYR A 224 7.47 17.30 6.83
N SER A 225 8.68 17.56 6.35
CA SER A 225 9.80 16.65 6.52
C SER A 225 10.28 16.63 7.97
N LYS A 226 11.26 15.77 8.26
CA LYS A 226 11.85 15.74 9.59
C LYS A 226 12.64 17.03 9.92
N GLU A 227 12.92 17.85 8.90
CA GLU A 227 13.49 19.18 9.08
C GLU A 227 12.41 20.28 9.12
N ASP A 228 11.15 19.87 9.14
CA ASP A 228 10.00 20.77 9.22
C ASP A 228 9.81 21.64 7.97
N LYS A 229 10.23 21.11 6.82
CA LYS A 229 10.10 21.82 5.56
C LYS A 229 8.97 21.23 4.72
N PRO A 230 8.25 22.09 3.97
CA PRO A 230 7.17 21.59 3.12
C PRO A 230 7.70 20.91 1.87
N VAL A 231 7.24 19.68 1.65
CA VAL A 231 7.79 18.83 0.60
C VAL A 231 6.68 18.05 -0.10
N ARG A 232 6.95 17.71 -1.36
CA ARG A 232 6.07 16.94 -2.23
C ARG A 232 6.92 15.88 -2.92
N VAL A 233 6.30 14.78 -3.31
CA VAL A 233 7.04 13.70 -3.98
C VAL A 233 7.36 14.10 -5.42
N ASN A 234 8.55 13.72 -5.86
CA ASN A 234 8.99 13.97 -7.23
C ASN A 234 8.95 12.67 -8.03
N PRO A 235 8.87 12.77 -9.37
CA PRO A 235 8.96 11.57 -10.22
C PRO A 235 10.22 10.72 -9.95
N GLY A 236 10.08 9.41 -10.10
CA GLY A 236 11.20 8.49 -9.94
C GLY A 236 10.90 7.24 -10.73
N VAL A 237 11.89 6.38 -10.89
CA VAL A 237 11.73 5.19 -11.69
C VAL A 237 10.79 4.23 -10.96
N LEU A 238 9.71 3.87 -11.67
CA LEU A 238 8.63 3.02 -11.14
C LEU A 238 8.00 3.57 -9.87
N ALA A 239 8.00 4.91 -9.73
CA ALA A 239 7.35 5.55 -8.61
C ALA A 239 5.86 5.27 -8.62
N ASP A 240 5.23 5.30 -9.80
CA ASP A 240 3.77 5.07 -9.86
C ASP A 240 3.40 3.74 -9.19
N GLU A 241 4.17 2.72 -9.52
CA GLU A 241 3.90 1.36 -9.05
C GLU A 241 4.19 1.18 -7.55
N ALA A 242 5.26 1.82 -7.07
CA ALA A 242 5.76 1.53 -5.73
C ALA A 242 5.24 2.47 -4.65
N TYR A 243 5.05 3.75 -4.99
CA TYR A 243 4.77 4.73 -3.95
C TYR A 243 4.05 6.00 -4.40
N GLY A 244 3.43 6.00 -5.58
CA GLY A 244 3.00 7.26 -6.18
C GLY A 244 1.57 7.73 -6.02
N ILE A 245 0.67 6.96 -5.41
CA ILE A 245 -0.72 7.40 -5.32
C ILE A 245 -0.90 8.57 -4.35
N LYS A 246 -1.72 9.54 -4.79
CA LYS A 246 -2.28 10.60 -3.94
CA LYS A 246 -2.27 10.57 -3.93
C LYS A 246 -3.77 10.32 -3.84
N THR A 247 -4.32 10.32 -2.63
CA THR A 247 -5.75 10.08 -2.46
C THR A 247 -6.20 10.70 -1.16
N SER A 248 -7.51 10.73 -0.98
CA SER A 248 -8.13 11.27 0.21
C SER A 248 -8.52 10.15 1.17
N ALA A 249 -8.83 10.52 2.41
CA ALA A 249 -9.31 9.51 3.35
C ALA A 249 -10.66 8.97 2.89
N ALA A 250 -11.51 9.81 2.30
CA ALA A 250 -12.78 9.34 1.78
C ALA A 250 -12.59 8.30 0.66
N ASP A 251 -11.70 8.57 -0.29
CA ASP A 251 -11.50 7.58 -1.34
C ASP A 251 -10.81 6.32 -0.81
N LEU A 252 -9.85 6.50 0.10
CA LEU A 252 -9.12 5.31 0.56
C LEU A 252 -10.02 4.41 1.40
N ILE A 253 -10.91 4.98 2.22
CA ILE A 253 -11.84 4.13 2.95
C ILE A 253 -12.88 3.48 2.02
N LYS A 254 -13.19 4.12 0.90
CA LYS A 254 -14.02 3.51 -0.13
CA LYS A 254 -14.03 3.48 -0.13
C LYS A 254 -13.31 2.27 -0.73
N PHE A 255 -12.00 2.40 -0.97
CA PHE A 255 -11.22 1.26 -1.46
C PHE A 255 -11.14 0.14 -0.42
N VAL A 256 -10.99 0.51 0.86
CA VAL A 256 -11.06 -0.48 1.93
C VAL A 256 -12.40 -1.20 1.91
N GLY A 257 -13.49 -0.45 1.78
CA GLY A 257 -14.82 -1.06 1.70
C GLY A 257 -14.92 -2.03 0.52
N ALA A 258 -14.37 -1.67 -0.63
CA ALA A 258 -14.38 -2.57 -1.78
C ALA A 258 -13.69 -3.88 -1.44
N ASN A 259 -12.61 -3.81 -0.66
CA ASN A 259 -11.88 -4.99 -0.21
C ASN A 259 -12.57 -5.79 0.90
N MET A 260 -13.69 -5.32 1.40
CA MET A 260 -14.46 -6.02 2.43
CA MET A 260 -14.46 -6.06 2.41
C MET A 260 -15.80 -6.55 1.89
N THR A 261 -16.60 -5.67 1.31
CA THR A 261 -17.93 -6.05 0.85
C THR A 261 -18.03 -6.12 -0.68
N GLY A 262 -16.98 -5.68 -1.40
CA GLY A 262 -16.88 -5.95 -2.80
C GLY A 262 -17.10 -4.78 -3.73
N SER A 263 -16.80 -5.07 -4.98
CA SER A 263 -17.09 -4.20 -6.11
C SER A 263 -18.19 -4.85 -6.95
N GLY A 264 -19.07 -4.01 -7.50
CA GLY A 264 -20.07 -4.47 -8.45
C GLY A 264 -19.56 -4.80 -9.84
N ASP A 265 -18.28 -4.53 -10.12
CA ASP A 265 -17.67 -4.92 -11.39
C ASP A 265 -17.06 -6.31 -11.20
N LYS A 266 -17.55 -7.29 -11.96
CA LYS A 266 -17.20 -8.71 -11.73
C LYS A 266 -15.70 -8.95 -11.81
N ALA A 267 -15.06 -8.41 -12.83
CA ALA A 267 -13.63 -8.62 -13.01
C ALA A 267 -12.83 -7.91 -11.91
N VAL A 268 -13.24 -6.70 -11.54
CA VAL A 268 -12.58 -6.01 -10.44
C VAL A 268 -12.77 -6.79 -9.13
N GLN A 269 -13.95 -7.35 -8.91
CA GLN A 269 -14.16 -8.14 -7.70
C GLN A 269 -13.21 -9.33 -7.67
N GLN A 270 -13.08 -10.03 -8.80
CA GLN A 270 -12.12 -11.14 -8.88
CA GLN A 270 -12.12 -11.14 -8.86
C GLN A 270 -10.70 -10.65 -8.57
N ALA A 271 -10.35 -9.47 -9.08
CA ALA A 271 -9.04 -8.90 -8.83
C ALA A 271 -8.85 -8.60 -7.35
N LEU A 272 -9.83 -7.99 -6.72
CA LEU A 272 -9.74 -7.65 -5.31
C LEU A 272 -9.57 -8.92 -4.47
N ALA A 273 -10.41 -9.92 -4.75
CA ALA A 273 -10.35 -11.16 -3.98
C ALA A 273 -8.97 -11.84 -4.10
N MET A 274 -8.40 -11.79 -5.31
CA MET A 274 -7.14 -12.48 -5.55
C MET A 274 -5.99 -11.86 -4.79
N THR A 275 -6.09 -10.58 -4.39
CA THR A 275 -5.03 -9.97 -3.57
C THR A 275 -4.88 -10.62 -2.19
N ARG A 276 -5.93 -11.34 -1.76
CA ARG A 276 -5.89 -12.09 -0.52
C ARG A 276 -5.10 -13.38 -0.63
N THR A 277 -4.57 -13.70 -1.82
CA THR A 277 -3.73 -14.89 -1.95
C THR A 277 -2.43 -14.72 -1.17
N GLY A 278 -2.20 -15.63 -0.23
CA GLY A 278 -0.98 -15.66 0.57
C GLY A 278 0.02 -16.64 0.00
N PHE A 279 1.29 -16.31 0.13
CA PHE A 279 2.35 -17.10 -0.49
C PHE A 279 3.33 -17.72 0.49
N TYR A 280 3.48 -17.12 1.66
CA TYR A 280 4.40 -17.57 2.68
C TYR A 280 4.12 -16.72 3.91
N SER A 281 4.74 -17.09 5.04
CA SER A 281 4.66 -16.27 6.23
C SER A 281 6.06 -15.89 6.73
N VAL A 282 6.10 -14.77 7.45
CA VAL A 282 7.27 -14.33 8.20
C VAL A 282 6.73 -14.00 9.58
N GLY A 283 7.12 -14.77 10.60
CA GLY A 283 6.46 -14.66 11.88
C GLY A 283 4.96 -14.87 11.73
N GLU A 284 4.17 -14.01 12.36
CA GLU A 284 2.72 -14.10 12.33
CA GLU A 284 2.71 -14.10 12.33
C GLU A 284 2.10 -13.42 11.09
N MET A 285 2.93 -12.84 10.22
CA MET A 285 2.45 -12.14 9.04
C MET A 285 2.46 -13.05 7.81
N THR A 286 1.37 -13.02 7.04
CA THR A 286 1.31 -13.70 5.74
C THR A 286 1.37 -12.65 4.64
N GLN A 287 2.31 -12.84 3.71
CA GLN A 287 2.45 -11.93 2.60
C GLN A 287 1.48 -12.27 1.49
N GLY A 288 0.57 -11.34 1.20
CA GLY A 288 -0.29 -11.44 0.03
C GLY A 288 0.19 -10.53 -1.07
N LEU A 289 -0.72 -10.16 -1.96
CA LEU A 289 -0.38 -9.26 -3.04
C LEU A 289 -0.75 -7.85 -2.57
N GLY A 290 0.26 -7.05 -2.28
CA GLY A 290 0.05 -5.73 -1.70
C GLY A 290 -0.19 -5.79 -0.20
N TRP A 291 -1.35 -6.34 0.18
CA TRP A 291 -1.71 -6.45 1.59
C TRP A 291 -0.88 -7.52 2.30
N GLU A 292 -0.57 -7.23 3.55
CA GLU A 292 0.04 -8.16 4.50
C GLU A 292 -1.02 -8.46 5.54
N SER A 293 -1.16 -9.72 5.98
CA SER A 293 -2.24 -10.05 6.87
C SER A 293 -1.84 -10.93 8.04
N TYR A 294 -2.73 -10.94 9.01
CA TYR A 294 -2.57 -11.61 10.29
C TYR A 294 -3.89 -12.30 10.65
N ALA A 295 -3.83 -13.44 11.32
CA ALA A 295 -5.05 -13.96 11.93
C ALA A 295 -5.64 -12.95 12.88
N TYR A 296 -6.97 -12.82 12.92
CA TYR A 296 -7.65 -11.92 13.85
C TYR A 296 -8.61 -12.77 14.68
N PRO A 297 -8.62 -12.65 16.00
CA PRO A 297 -7.80 -11.76 16.82
C PRO A 297 -6.28 -11.89 16.64
N VAL A 298 -5.61 -10.74 16.73
CA VAL A 298 -4.15 -10.60 16.58
C VAL A 298 -3.65 -9.84 17.80
N THR A 299 -2.50 -10.21 18.34
CA THR A 299 -1.90 -9.42 19.42
C THR A 299 -1.22 -8.17 18.86
N GLU A 300 -1.17 -7.15 19.71
CA GLU A 300 -0.44 -5.93 19.35
CA GLU A 300 -0.44 -5.93 19.36
C GLU A 300 1.03 -6.25 19.08
N GLN A 301 1.61 -7.13 19.89
CA GLN A 301 3.00 -7.51 19.72
C GLN A 301 3.27 -8.10 18.34
N ALA A 302 2.39 -8.98 17.87
CA ALA A 302 2.56 -9.58 16.56
C ALA A 302 2.43 -8.54 15.44
N LEU A 303 1.48 -7.63 15.58
CA LEU A 303 1.28 -6.61 14.56
C LEU A 303 2.45 -5.62 14.51
N LEU A 304 3.00 -5.28 15.68
CA LEU A 304 4.20 -4.46 15.72
C LEU A 304 5.39 -5.16 15.08
N ALA A 305 5.58 -6.44 15.41
CA ALA A 305 6.73 -7.19 14.90
C ALA A 305 6.69 -7.27 13.37
N GLY A 306 5.52 -7.55 12.81
CA GLY A 306 5.40 -7.69 11.38
C GLY A 306 5.62 -6.41 10.60
N ASN A 307 5.46 -5.28 11.27
CA ASN A 307 5.68 -3.95 10.70
C ASN A 307 6.98 -3.31 11.15
N SER A 308 7.84 -4.05 11.85
CA SER A 308 9.05 -3.50 12.41
C SER A 308 10.18 -3.51 11.39
N PRO A 309 11.27 -2.75 11.66
CA PRO A 309 12.41 -2.77 10.74
C PRO A 309 13.04 -4.14 10.51
N ALA A 310 12.98 -5.01 11.50
CA ALA A 310 13.51 -6.37 11.38
C ALA A 310 12.82 -7.16 10.26
N VAL A 311 11.57 -6.83 9.97
CA VAL A 311 10.83 -7.39 8.84
C VAL A 311 10.87 -6.51 7.60
N SER A 312 10.76 -5.20 7.77
CA SER A 312 10.63 -4.28 6.65
CA SER A 312 10.62 -4.31 6.62
C SER A 312 11.93 -4.00 5.89
N PHE A 313 13.06 -4.00 6.61
CA PHE A 313 14.31 -3.50 6.02
C PHE A 313 15.47 -4.48 6.12
N LYS A 314 15.17 -5.74 6.43
CA LYS A 314 16.11 -6.86 6.41
C LYS A 314 15.53 -7.97 5.56
N ALA A 315 16.39 -8.72 4.88
CA ALA A 315 15.93 -9.93 4.22
C ALA A 315 15.62 -10.97 5.30
N ASN A 316 14.46 -11.61 5.20
CA ASN A 316 14.06 -12.65 6.14
C ASN A 316 13.80 -13.93 5.36
N PRO A 317 14.32 -15.07 5.84
CA PRO A 317 13.90 -16.33 5.23
C PRO A 317 12.42 -16.55 5.50
N VAL A 318 11.68 -16.99 4.49
CA VAL A 318 10.24 -17.18 4.65
C VAL A 318 9.92 -18.60 5.09
N LYS A 319 8.73 -18.77 5.65
CA LYS A 319 8.14 -20.08 5.87
CA LYS A 319 8.14 -20.08 5.87
C LYS A 319 7.23 -20.32 4.68
N PRO A 320 7.66 -21.16 3.72
CA PRO A 320 6.89 -21.24 2.48
C PRO A 320 5.57 -21.97 2.63
N PHE A 321 4.61 -21.62 1.78
CA PHE A 321 3.40 -22.43 1.62
C PHE A 321 3.64 -23.47 0.54
N VAL A 322 2.98 -24.61 0.67
CA VAL A 322 3.12 -25.66 -0.36
CA VAL A 322 3.10 -25.67 -0.35
C VAL A 322 2.56 -25.14 -1.68
N ALA A 323 1.47 -24.39 -1.61
CA ALA A 323 0.90 -23.69 -2.75
C ALA A 323 0.27 -22.39 -2.26
N PRO A 324 0.14 -21.41 -3.14
CA PRO A 324 -0.53 -20.17 -2.75
C PRO A 324 -1.97 -20.45 -2.29
N ARG A 325 -2.40 -19.72 -1.26
CA ARG A 325 -3.63 -19.99 -0.56
C ARG A 325 -4.42 -18.70 -0.39
N VAL A 326 -5.69 -18.68 -0.78
CA VAL A 326 -6.54 -17.54 -0.48
C VAL A 326 -6.74 -17.43 1.03
N MET A 327 -6.37 -16.27 1.60
CA MET A 327 -6.49 -16.02 3.02
C MET A 327 -7.90 -15.49 3.30
N GLY A 328 -8.39 -15.74 4.51
CA GLY A 328 -9.80 -15.57 4.80
C GLY A 328 -10.22 -14.21 5.38
N ASN A 329 -11.49 -14.21 5.80
CA ASN A 329 -12.13 -13.01 6.31
C ASN A 329 -11.81 -12.72 7.78
N GLU A 330 -11.47 -13.76 8.55
CA GLU A 330 -11.24 -13.64 9.99
C GLU A 330 -9.78 -13.26 10.23
N ARG A 331 -9.39 -12.13 9.65
CA ARG A 331 -8.01 -11.75 9.50
C ARG A 331 -7.95 -10.24 9.44
N LEU A 332 -6.80 -9.70 9.85
CA LEU A 332 -6.51 -8.30 9.75
C LEU A 332 -5.52 -8.08 8.60
N TYR A 333 -5.93 -7.26 7.64
CA TYR A 333 -5.12 -6.88 6.50
C TYR A 333 -4.60 -5.48 6.70
N ASN A 334 -3.36 -5.21 6.33
CA ASN A 334 -2.79 -3.89 6.53
C ASN A 334 -1.74 -3.53 5.51
N LYS A 335 -1.44 -2.23 5.45
CA LYS A 335 -0.29 -1.74 4.72
C LYS A 335 0.11 -0.39 5.26
N THR A 336 1.42 -0.21 5.46
CA THR A 336 2.05 1.07 5.77
C THR A 336 2.56 1.77 4.51
N GLY A 337 2.73 3.08 4.59
CA GLY A 337 3.46 3.80 3.56
C GLY A 337 3.88 5.15 4.01
N SER A 338 4.97 5.63 3.42
CA SER A 338 5.53 6.92 3.75
CA SER A 338 5.45 6.96 3.71
C SER A 338 6.16 7.54 2.51
N THR A 339 6.20 8.86 2.49
CA THR A 339 7.04 9.58 1.57
C THR A 339 7.75 10.62 2.41
N ASN A 340 8.60 11.41 1.78
CA ASN A 340 9.14 12.60 2.39
CA ASN A 340 9.13 12.59 2.43
C ASN A 340 7.94 13.41 2.93
N GLY A 341 7.85 13.55 4.22
CA GLY A 341 6.82 14.37 4.77
C GLY A 341 5.43 13.78 4.91
N PHE A 342 5.21 12.49 4.61
CA PHE A 342 3.88 11.88 4.76
C PHE A 342 3.98 10.52 5.41
N GLY A 343 2.95 10.15 6.16
CA GLY A 343 2.87 8.86 6.82
C GLY A 343 1.46 8.35 6.82
N ALA A 344 1.26 7.17 6.24
CA ALA A 344 -0.04 6.54 6.05
C ALA A 344 -0.07 5.16 6.67
N TYR A 345 -1.28 4.74 7.07
CA TYR A 345 -1.51 3.37 7.53
C TYR A 345 -2.95 3.02 7.26
N VAL A 346 -3.18 1.78 6.82
CA VAL A 346 -4.51 1.26 6.56
C VAL A 346 -4.60 -0.13 7.17
N VAL A 347 -5.71 -0.41 7.85
CA VAL A 347 -5.95 -1.72 8.42
CA VAL A 347 -5.98 -1.71 8.49
C VAL A 347 -7.44 -2.05 8.30
N PHE A 348 -7.76 -3.32 8.08
CA PHE A 348 -9.16 -3.73 8.03
C PHE A 348 -9.32 -5.18 8.39
N VAL A 349 -10.51 -5.52 8.93
CA VAL A 349 -10.85 -6.89 9.31
C VAL A 349 -12.18 -7.19 8.64
N PRO A 350 -12.17 -7.92 7.50
CA PRO A 350 -13.41 -8.13 6.73
C PRO A 350 -14.53 -8.74 7.55
N ALA A 351 -14.24 -9.76 8.36
CA ALA A 351 -15.32 -10.43 9.08
C ALA A 351 -16.04 -9.52 10.06
N ARG A 352 -15.33 -8.52 10.59
CA ARG A 352 -15.88 -7.56 11.55
CA ARG A 352 -15.90 -7.62 11.57
C ARG A 352 -16.46 -6.34 10.92
N GLY A 353 -16.25 -6.15 9.62
CA GLY A 353 -16.75 -4.96 8.94
C GLY A 353 -16.13 -3.67 9.45
N VAL A 354 -14.87 -3.73 9.90
CA VAL A 354 -14.20 -2.53 10.41
C VAL A 354 -12.94 -2.27 9.58
N GLY A 355 -12.81 -1.02 9.18
CA GLY A 355 -11.63 -0.54 8.47
C GLY A 355 -11.19 0.78 9.06
N ILE A 356 -9.87 1.04 9.02
CA ILE A 356 -9.31 2.27 9.52
C ILE A 356 -8.28 2.77 8.53
N VAL A 357 -8.38 4.06 8.19
CA VAL A 357 -7.41 4.78 7.37
C VAL A 357 -6.88 5.93 8.20
N MET A 358 -5.55 6.07 8.27
CA MET A 358 -4.90 7.18 8.97
C MET A 358 -3.89 7.80 8.02
N LEU A 359 -4.13 9.03 7.59
CA LEU A 359 -3.27 9.75 6.65
C LEU A 359 -2.75 11.00 7.31
N ALA A 360 -1.44 11.22 7.27
CA ALA A 360 -0.81 12.38 7.88
C ALA A 360 0.20 12.99 6.95
N ASN A 361 0.40 14.30 7.12
CA ASN A 361 1.49 15.03 6.43
C ASN A 361 2.71 15.23 7.36
N ARG A 362 3.02 14.16 8.09
CA ARG A 362 4.30 13.97 8.75
C ARG A 362 4.65 12.49 8.62
N ASN A 363 5.91 12.17 8.35
CA ASN A 363 6.36 10.78 8.31
C ASN A 363 6.78 10.37 9.73
N TYR A 364 5.80 9.98 10.51
CA TYR A 364 5.98 9.69 11.94
C TYR A 364 6.08 8.15 12.12
N PRO A 365 6.60 7.70 13.28
CA PRO A 365 7.01 6.31 13.37
C PRO A 365 5.92 5.27 13.12
N ILE A 366 6.27 4.24 12.37
CA ILE A 366 5.35 3.15 12.10
C ILE A 366 4.81 2.51 13.37
N GLU A 367 5.66 2.32 14.38
CA GLU A 367 5.19 1.70 15.62
CA GLU A 367 5.18 1.69 15.60
C GLU A 367 4.05 2.50 16.23
N ALA A 368 4.12 3.83 16.11
CA ALA A 368 3.07 4.69 16.64
C ALA A 368 1.77 4.60 15.84
N ARG A 369 1.89 4.47 14.51
CA ARG A 369 0.73 4.24 13.66
C ARG A 369 0.03 2.95 14.08
N VAL A 370 0.81 1.90 14.25
CA VAL A 370 0.28 0.58 14.60
C VAL A 370 -0.40 0.61 15.97
N LYS A 371 0.26 1.19 16.97
CA LYS A 371 -0.33 1.21 18.31
CA LYS A 371 -0.31 1.24 18.33
C LYS A 371 -1.66 1.96 18.33
N ALA A 372 -1.72 3.09 17.62
CA ALA A 372 -2.96 3.87 17.58
C ALA A 372 -4.08 3.14 16.86
N ALA A 373 -3.78 2.59 15.69
CA ALA A 373 -4.79 1.83 14.96
C ALA A 373 -5.24 0.61 15.74
N TYR A 374 -4.30 -0.05 16.43
CA TYR A 374 -4.63 -1.22 17.22
C TYR A 374 -5.63 -0.88 18.32
N ALA A 375 -5.41 0.24 19.00
CA ALA A 375 -6.34 0.67 20.03
C ALA A 375 -7.73 0.93 19.49
N ILE A 376 -7.80 1.59 18.34
CA ILE A 376 -9.08 1.87 17.74
C ILE A 376 -9.77 0.56 17.32
N MET A 377 -9.02 -0.33 16.67
CA MET A 377 -9.57 -1.59 16.24
C MET A 377 -10.07 -2.44 17.41
N ARG A 378 -9.33 -2.45 18.53
CA ARG A 378 -9.75 -3.26 19.68
C ARG A 378 -11.07 -2.74 20.23
N HIS A 379 -11.29 -1.43 20.18
CA HIS A 379 -12.56 -0.88 20.58
C HIS A 379 -13.71 -1.26 19.65
N LEU A 380 -13.46 -1.24 18.35
CA LEU A 380 -14.53 -1.49 17.38
C LEU A 380 -14.74 -2.96 17.01
N ALA A 381 -13.76 -3.81 17.31
CA ALA A 381 -13.85 -5.26 17.12
C ALA A 381 -13.25 -5.96 18.34
N PRO A 382 -13.94 -5.85 19.50
CA PRO A 382 -13.39 -6.44 20.73
C PRO A 382 -13.19 -7.95 20.66
#